data_2AQ6
#
_entry.id   2AQ6
#
_cell.length_a   46.87
_cell.length_b   55.35
_cell.length_c   54.52
_cell.angle_alpha   90.0
_cell.angle_beta   107.77
_cell.angle_gamma   90.00
#
_symmetry.space_group_name_H-M   'P 1 21 1'
#
loop_
_entity.id
_entity.type
_entity.pdbx_description
1 polymer "PYRIDOXINE 5'-PHOSPHATE OXIDASE"
2 non-polymer "PYRIDOXAL-5'-PHOSPHATE"
3 water water
#
_entity_poly.entity_id   1
_entity_poly.type   'polypeptide(L)'
_entity_poly.pdbx_seq_one_letter_code
;MARQVFDDKLLAVISGNSIGVLATIKHDGRPQLSNVQYHFDPRKLLIQVSIAEPRAKTRNLRRDPRASILVDADDGWSYA
VAEGTAQLTPPAAAPDDDTVEALIALYRNIAGEHSDWDDYRQAMVTDRRVLLTLPISHVYGLPPGMR
;
_entity_poly.pdbx_strand_id   A,B
#
loop_
_chem_comp.id
_chem_comp.type
_chem_comp.name
_chem_comp.formula
PLP non-polymer PYRIDOXAL-5'-PHOSPHATE 'C8 H10 N O6 P'
#
# COMPACT_ATOMS: atom_id res chain seq x y z
N VAL A 5 24.14 2.28 6.57
CA VAL A 5 23.43 1.12 7.16
C VAL A 5 22.13 0.84 6.41
N PHE A 6 21.59 -0.36 6.57
CA PHE A 6 20.36 -0.75 5.89
C PHE A 6 19.24 0.28 5.89
N ASP A 7 19.01 0.90 7.05
CA ASP A 7 17.94 1.91 7.13
C ASP A 7 18.18 3.09 6.19
N ASP A 8 19.45 3.39 5.91
CA ASP A 8 19.78 4.49 5.00
C ASP A 8 19.28 4.16 3.60
N LYS A 9 19.34 2.88 3.24
CA LYS A 9 18.88 2.44 1.93
C LYS A 9 17.37 2.65 1.83
N LEU A 10 16.68 2.31 2.91
CA LEU A 10 15.22 2.46 2.96
C LEU A 10 14.81 3.93 2.93
N LEU A 11 15.52 4.76 3.69
CA LEU A 11 15.20 6.18 3.71
C LEU A 11 15.49 6.84 2.37
N ALA A 12 16.50 6.34 1.65
CA ALA A 12 16.83 6.89 0.34
C ALA A 12 15.67 6.64 -0.63
N VAL A 13 14.98 5.52 -0.44
CA VAL A 13 13.84 5.21 -1.30
C VAL A 13 12.74 6.24 -1.04
N ILE A 14 12.48 6.51 0.23
CA ILE A 14 11.45 7.47 0.61
C ILE A 14 11.83 8.87 0.13
N SER A 15 13.10 9.23 0.26
CA SER A 15 13.55 10.55 -0.17
C SER A 15 13.46 10.76 -1.68
N GLY A 16 13.55 9.67 -2.44
CA GLY A 16 13.50 9.78 -3.88
C GLY A 16 12.15 9.70 -4.56
N ASN A 17 11.06 9.84 -3.79
CA ASN A 17 9.74 9.78 -4.38
C ASN A 17 8.81 10.80 -3.72
N SER A 18 7.61 10.97 -4.28
CA SER A 18 6.65 11.92 -3.75
C SER A 18 5.24 11.33 -3.71
N ILE A 19 5.14 10.02 -3.96
CA ILE A 19 3.85 9.35 -3.91
C ILE A 19 4.04 8.03 -3.19
N GLY A 20 3.04 7.64 -2.40
CA GLY A 20 3.13 6.39 -1.68
C GLY A 20 1.76 5.87 -1.31
N VAL A 21 1.72 4.62 -0.83
CA VAL A 21 0.46 4.01 -0.44
C VAL A 21 0.34 4.12 1.07
N LEU A 22 -0.65 4.89 1.51
CA LEU A 22 -0.90 5.10 2.93
C LEU A 22 -1.86 4.03 3.44
N ALA A 23 -1.49 3.38 4.53
CA ALA A 23 -2.35 2.36 5.12
C ALA A 23 -2.87 2.85 6.47
N THR A 24 -4.19 3.03 6.57
CA THR A 24 -4.79 3.46 7.82
C THR A 24 -5.60 2.26 8.30
N ILE A 25 -6.07 2.30 9.54
CA ILE A 25 -6.84 1.18 10.09
C ILE A 25 -8.32 1.55 10.26
N LYS A 26 -9.18 0.74 9.67
CA LYS A 26 -10.63 0.98 9.75
C LYS A 26 -11.17 0.67 11.13
N HIS A 27 -12.43 1.05 11.33
CA HIS A 27 -13.12 0.81 12.59
C HIS A 27 -13.06 -0.67 12.97
N ASP A 28 -13.26 -1.54 12.00
CA ASP A 28 -13.24 -2.99 12.25
C ASP A 28 -11.85 -3.62 12.30
N GLY A 29 -10.81 -2.79 12.20
CA GLY A 29 -9.46 -3.32 12.27
C GLY A 29 -8.79 -3.66 10.95
N ARG A 30 -9.55 -3.69 9.87
CA ARG A 30 -8.99 -4.01 8.55
C ARG A 30 -8.25 -2.79 8.00
N PRO A 31 -7.18 -3.01 7.22
CA PRO A 31 -6.44 -1.88 6.67
C PRO A 31 -7.20 -1.23 5.50
N GLN A 32 -7.03 0.08 5.35
CA GLN A 32 -7.62 0.79 4.22
C GLN A 32 -6.41 1.34 3.46
N LEU A 33 -6.39 1.17 2.15
CA LEU A 33 -5.26 1.65 1.37
C LEU A 33 -5.63 2.82 0.47
N SER A 34 -4.78 3.84 0.47
CA SER A 34 -4.99 5.06 -0.32
C SER A 34 -3.64 5.50 -0.89
N ASN A 35 -3.64 6.14 -2.06
CA ASN A 35 -2.37 6.63 -2.57
C ASN A 35 -2.35 8.10 -2.19
N VAL A 36 -1.18 8.59 -1.79
CA VAL A 36 -1.07 9.99 -1.37
C VAL A 36 0.21 10.65 -1.86
N GLN A 37 0.16 11.98 -1.90
CA GLN A 37 1.31 12.79 -2.31
C GLN A 37 1.95 13.19 -0.99
N TYR A 38 3.28 13.16 -0.93
CA TYR A 38 3.94 13.53 0.30
C TYR A 38 5.25 14.28 0.11
N HIS A 39 5.73 14.84 1.21
CA HIS A 39 7.01 15.51 1.24
C HIS A 39 7.78 14.85 2.37
N PHE A 40 9.03 14.50 2.11
CA PHE A 40 9.86 13.88 3.13
C PHE A 40 10.82 14.91 3.68
N ASP A 41 10.80 15.09 5.00
CA ASP A 41 11.70 16.04 5.65
C ASP A 41 12.86 15.26 6.26
N PRO A 42 14.06 15.37 5.66
CA PRO A 42 15.22 14.65 6.18
C PRO A 42 15.70 15.16 7.53
N ARG A 43 15.47 16.44 7.79
CA ARG A 43 15.89 17.05 9.06
C ARG A 43 15.30 16.31 10.25
N LYS A 44 13.98 16.15 10.26
CA LYS A 44 13.31 15.49 11.37
C LYS A 44 12.80 14.09 11.04
N LEU A 45 13.14 13.61 9.84
CA LEU A 45 12.71 12.29 9.40
C LEU A 45 11.19 12.20 9.52
N LEU A 46 10.51 13.05 8.76
CA LEU A 46 9.05 13.11 8.77
C LEU A 46 8.50 12.97 7.36
N ILE A 47 7.27 12.46 7.27
CA ILE A 47 6.57 12.35 6.00
C ILE A 47 5.33 13.21 6.24
N GLN A 48 5.15 14.23 5.42
CA GLN A 48 4.01 15.13 5.57
C GLN A 48 3.07 15.04 4.38
N VAL A 49 1.78 14.98 4.69
CA VAL A 49 0.76 14.86 3.66
C VAL A 49 -0.45 15.73 3.98
N SER A 50 -1.13 16.18 2.94
CA SER A 50 -2.32 17.01 3.11
C SER A 50 -3.55 16.14 2.90
N ILE A 51 -4.44 16.08 3.89
CA ILE A 51 -5.65 15.28 3.76
C ILE A 51 -6.88 16.10 4.16
N ALA A 52 -8.07 15.61 3.79
CA ALA A 52 -9.31 16.32 4.10
C ALA A 52 -10.08 15.60 5.21
N GLU A 53 -10.56 16.37 6.18
CA GLU A 53 -11.28 15.83 7.33
C GLU A 53 -12.42 14.86 7.00
N PRO A 54 -13.22 15.16 5.96
CA PRO A 54 -14.32 14.23 5.66
C PRO A 54 -13.94 12.87 5.08
N ARG A 55 -12.71 12.72 4.60
CA ARG A 55 -12.30 11.44 4.03
C ARG A 55 -12.22 10.33 5.05
N ALA A 56 -12.55 9.11 4.61
CA ALA A 56 -12.54 7.94 5.49
C ALA A 56 -11.16 7.73 6.11
N LYS A 57 -10.12 7.85 5.31
CA LYS A 57 -8.77 7.66 5.84
C LYS A 57 -8.46 8.64 6.96
N THR A 58 -8.98 9.85 6.86
CA THR A 58 -8.74 10.85 7.91
C THR A 58 -9.51 10.45 9.16
N ARG A 59 -10.75 10.02 8.98
CA ARG A 59 -11.56 9.60 10.12
C ARG A 59 -10.91 8.39 10.79
N ASN A 60 -10.26 7.54 10.00
CA ASN A 60 -9.57 6.37 10.55
C ASN A 60 -8.43 6.81 11.46
N LEU A 61 -7.67 7.79 10.98
CA LEU A 61 -6.52 8.32 11.73
C LEU A 61 -6.93 9.07 13.00
N ARG A 62 -8.15 9.63 12.99
CA ARG A 62 -8.66 10.35 14.15
C ARG A 62 -8.94 9.36 15.29
N ARG A 63 -9.38 8.16 14.93
CA ARG A 63 -9.70 7.14 15.92
C ARG A 63 -8.46 6.34 16.32
N ASP A 64 -7.62 6.06 15.33
CA ASP A 64 -6.39 5.29 15.53
C ASP A 64 -5.32 5.93 14.63
N PRO A 65 -4.44 6.75 15.22
CA PRO A 65 -3.37 7.44 14.49
C PRO A 65 -2.22 6.62 13.91
N ARG A 66 -2.21 5.32 14.14
CA ARG A 66 -1.13 4.47 13.61
C ARG A 66 -1.21 4.42 12.08
N ALA A 67 -0.10 4.71 11.43
CA ALA A 67 -0.06 4.75 9.98
C ALA A 67 1.22 4.18 9.39
N SER A 68 1.11 3.70 8.15
CA SER A 68 2.23 3.16 7.41
C SER A 68 2.13 3.67 5.97
N ILE A 69 3.26 3.88 5.33
CA ILE A 69 3.29 4.34 3.96
C ILE A 69 4.35 3.57 3.19
N LEU A 70 3.95 2.90 2.11
CA LEU A 70 4.90 2.14 1.29
C LEU A 70 5.28 3.01 0.10
N VAL A 71 6.58 3.10 -0.17
CA VAL A 71 7.07 3.90 -1.28
C VAL A 71 7.92 3.05 -2.22
N ASP A 72 7.68 3.17 -3.52
CA ASP A 72 8.46 2.40 -4.51
C ASP A 72 9.79 3.08 -4.84
N ALA A 73 10.79 2.27 -5.12
CA ALA A 73 12.11 2.78 -5.51
C ALA A 73 11.99 3.12 -7.00
N ASP A 74 13.06 3.67 -7.58
CA ASP A 74 12.99 4.02 -8.99
C ASP A 74 12.87 2.84 -9.96
N ASP A 75 12.95 1.60 -9.47
CA ASP A 75 12.79 0.47 -10.38
C ASP A 75 11.34 0.01 -10.41
N GLY A 76 10.53 0.58 -9.53
CA GLY A 76 9.11 0.26 -9.45
C GLY A 76 8.78 -1.10 -8.84
N TRP A 77 9.76 -1.76 -8.22
CA TRP A 77 9.54 -3.07 -7.61
C TRP A 77 10.12 -3.08 -6.20
N SER A 78 11.34 -2.58 -6.05
CA SER A 78 11.95 -2.50 -4.72
C SER A 78 11.16 -1.44 -3.97
N TYR A 79 11.12 -1.53 -2.64
CA TYR A 79 10.34 -0.56 -1.87
C TYR A 79 10.79 -0.41 -0.44
N ALA A 80 10.22 0.59 0.22
CA ALA A 80 10.49 0.87 1.63
C ALA A 80 9.15 1.20 2.25
N VAL A 81 8.99 0.87 3.51
CA VAL A 81 7.75 1.15 4.23
C VAL A 81 8.09 1.90 5.51
N ALA A 82 7.43 3.04 5.73
CA ALA A 82 7.65 3.82 6.93
C ALA A 82 6.48 3.57 7.89
N GLU A 83 6.79 3.29 9.14
CA GLU A 83 5.78 3.01 10.15
C GLU A 83 5.86 4.05 11.26
N GLY A 84 4.72 4.56 11.69
CA GLY A 84 4.74 5.55 12.74
C GLY A 84 3.36 5.88 13.27
N THR A 85 3.31 6.87 14.14
CA THR A 85 2.04 7.29 14.72
C THR A 85 1.81 8.72 14.25
N ALA A 86 0.78 8.88 13.44
CA ALA A 86 0.44 10.17 12.86
C ALA A 86 0.08 11.28 13.84
N GLN A 87 0.46 12.50 13.47
CA GLN A 87 0.13 13.67 14.27
C GLN A 87 -0.64 14.55 13.29
N LEU A 88 -1.89 14.83 13.62
CA LEU A 88 -2.74 15.64 12.74
C LEU A 88 -3.07 16.99 13.35
N THR A 89 -3.11 18.01 12.49
CA THR A 89 -3.47 19.35 12.93
C THR A 89 -4.99 19.37 12.92
N PRO A 90 -5.60 20.39 13.55
CA PRO A 90 -7.07 20.37 13.49
C PRO A 90 -7.37 20.81 12.05
N PRO A 91 -8.60 20.60 11.57
CA PRO A 91 -8.84 21.04 10.19
C PRO A 91 -8.80 22.55 10.06
N ALA A 92 -8.41 23.03 8.88
CA ALA A 92 -8.36 24.46 8.63
C ALA A 92 -9.74 25.04 8.93
N ALA A 93 -9.79 26.09 9.75
CA ALA A 93 -11.06 26.69 10.16
C ALA A 93 -11.20 28.15 9.71
N ALA A 94 -10.07 28.83 9.57
CA ALA A 94 -10.04 30.23 9.13
C ALA A 94 -8.85 30.36 8.19
N PRO A 95 -8.97 31.18 7.14
CA PRO A 95 -7.88 31.36 6.18
C PRO A 95 -6.51 31.76 6.73
N ASP A 96 -6.48 32.32 7.94
CA ASP A 96 -5.23 32.74 8.54
C ASP A 96 -4.74 31.90 9.70
N ASP A 97 -5.42 30.80 10.03
CA ASP A 97 -4.98 30.01 11.17
C ASP A 97 -3.71 29.18 10.95
N ASP A 98 -3.17 28.65 12.05
CA ASP A 98 -1.94 27.88 12.01
C ASP A 98 -1.97 26.65 11.10
N THR A 99 -3.13 26.03 10.96
CA THR A 99 -3.24 24.86 10.09
C THR A 99 -3.01 25.27 8.65
N VAL A 100 -3.62 26.38 8.24
CA VAL A 100 -3.47 26.89 6.89
C VAL A 100 -2.01 27.25 6.65
N GLU A 101 -1.37 27.91 7.60
CA GLU A 101 0.03 28.28 7.43
C GLU A 101 0.89 27.03 7.26
N ALA A 102 0.58 25.97 8.01
CA ALA A 102 1.33 24.74 7.90
C ALA A 102 1.12 24.12 6.53
N LEU A 103 -0.10 24.23 6.00
CA LEU A 103 -0.40 23.67 4.69
C LEU A 103 0.25 24.51 3.59
N ILE A 104 0.47 25.79 3.87
CA ILE A 104 1.13 26.66 2.90
C ILE A 104 2.59 26.23 2.81
N ALA A 105 3.18 25.89 3.95
CA ALA A 105 4.56 25.45 3.98
C ALA A 105 4.71 24.15 3.22
N LEU A 106 3.72 23.26 3.36
CA LEU A 106 3.76 21.99 2.67
C LEU A 106 3.66 22.20 1.16
N TYR A 107 2.74 23.05 0.74
CA TYR A 107 2.56 23.31 -0.69
C TYR A 107 3.87 23.80 -1.29
N ARG A 108 4.55 24.71 -0.58
CA ARG A 108 5.82 25.21 -1.08
C ARG A 108 6.83 24.09 -1.23
N ASN A 109 6.82 23.13 -0.31
CA ASN A 109 7.75 22.01 -0.37
C ASN A 109 7.43 21.00 -1.47
N ILE A 110 6.14 20.83 -1.75
CA ILE A 110 5.72 19.88 -2.77
C ILE A 110 5.54 20.44 -4.18
N ALA A 111 4.82 21.56 -4.29
CA ALA A 111 4.54 22.17 -5.59
C ALA A 111 5.25 23.48 -5.92
N GLY A 112 5.72 24.19 -4.90
CA GLY A 112 6.39 25.47 -5.15
C GLY A 112 5.58 26.67 -4.68
N GLU A 113 5.84 27.83 -5.25
CA GLU A 113 5.12 29.05 -4.85
C GLU A 113 3.77 29.18 -5.55
N HIS A 114 2.70 29.14 -4.77
CA HIS A 114 1.34 29.24 -5.31
C HIS A 114 1.16 30.62 -5.93
N SER A 115 0.29 30.70 -6.95
CA SER A 115 0.03 31.96 -7.65
C SER A 115 -0.80 32.93 -6.81
N ASP A 116 -1.81 32.40 -6.12
CA ASP A 116 -2.68 33.23 -5.29
C ASP A 116 -2.92 32.56 -3.93
N TRP A 117 -2.06 32.87 -2.97
CA TRP A 117 -2.16 32.30 -1.64
C TRP A 117 -3.53 32.53 -0.99
N ASP A 118 -4.19 33.62 -1.35
CA ASP A 118 -5.50 33.89 -0.76
C ASP A 118 -6.50 32.86 -1.25
N ASP A 119 -6.35 32.42 -2.49
CA ASP A 119 -7.24 31.42 -3.05
C ASP A 119 -6.94 30.09 -2.36
N TYR A 120 -5.67 29.82 -2.16
CA TYR A 120 -5.23 28.59 -1.51
C TYR A 120 -5.79 28.53 -0.09
N ARG A 121 -5.62 29.62 0.65
CA ARG A 121 -6.10 29.69 2.02
C ARG A 121 -7.59 29.37 2.07
N GLN A 122 -8.36 30.01 1.20
CA GLN A 122 -9.80 29.79 1.13
C GLN A 122 -10.12 28.33 0.85
N ALA A 123 -9.39 27.72 -0.07
CA ALA A 123 -9.62 26.32 -0.42
C ALA A 123 -9.33 25.34 0.72
N MET A 124 -8.30 25.62 1.51
CA MET A 124 -7.96 24.75 2.62
C MET A 124 -9.11 24.74 3.63
N VAL A 125 -9.70 25.91 3.85
CA VAL A 125 -10.82 26.03 4.78
C VAL A 125 -12.05 25.33 4.21
N THR A 126 -12.34 25.58 2.94
CA THR A 126 -13.48 24.98 2.28
C THR A 126 -13.45 23.45 2.33
N ASP A 127 -12.27 22.88 2.13
CA ASP A 127 -12.12 21.43 2.13
C ASP A 127 -11.72 20.86 3.49
N ARG A 128 -11.78 21.68 4.53
CA ARG A 128 -11.40 21.24 5.88
C ARG A 128 -10.09 20.46 5.86
N ARG A 129 -9.09 21.02 5.22
CA ARG A 129 -7.78 20.38 5.10
C ARG A 129 -7.03 20.21 6.41
N VAL A 130 -6.27 19.13 6.49
CA VAL A 130 -5.49 18.79 7.67
C VAL A 130 -4.08 18.41 7.26
N LEU A 131 -3.11 18.79 8.06
CA LEU A 131 -1.73 18.43 7.76
C LEU A 131 -1.40 17.20 8.60
N LEU A 132 -1.08 16.12 7.90
CA LEU A 132 -0.71 14.86 8.54
C LEU A 132 0.81 14.77 8.59
N THR A 133 1.35 14.72 9.79
CA THR A 133 2.79 14.60 9.98
C THR A 133 3.03 13.22 10.53
N LEU A 134 3.82 12.44 9.79
CA LEU A 134 4.14 11.08 10.22
C LEU A 134 5.62 10.94 10.54
N PRO A 135 5.97 10.99 11.83
CA PRO A 135 7.38 10.85 12.15
C PRO A 135 7.70 9.37 11.98
N ILE A 136 8.77 9.08 11.25
CA ILE A 136 9.17 7.70 11.00
C ILE A 136 9.79 7.06 12.24
N SER A 137 9.10 6.10 12.83
CA SER A 137 9.61 5.42 14.01
C SER A 137 10.35 4.15 13.59
N HIS A 138 9.92 3.56 12.49
CA HIS A 138 10.52 2.32 12.02
C HIS A 138 10.37 2.19 10.51
N VAL A 139 11.35 1.59 9.85
CA VAL A 139 11.30 1.38 8.41
C VAL A 139 11.66 -0.07 8.12
N TYR A 140 11.05 -0.63 7.09
CA TYR A 140 11.32 -1.99 6.67
C TYR A 140 11.05 -2.10 5.18
N GLY A 141 11.41 -3.23 4.57
CA GLY A 141 11.16 -3.37 3.15
C GLY A 141 12.29 -4.07 2.43
N LEU A 142 12.29 -3.95 1.11
CA LEU A 142 13.31 -4.59 0.27
C LEU A 142 13.82 -3.53 -0.70
N PRO A 143 14.87 -2.78 -0.30
CA PRO A 143 15.45 -1.73 -1.14
C PRO A 143 16.25 -2.26 -2.33
N PRO A 144 16.55 -1.39 -3.30
CA PRO A 144 17.32 -1.84 -4.45
C PRO A 144 18.53 -2.70 -4.04
N GLY A 145 18.76 -3.75 -4.80
CA GLY A 145 19.86 -4.64 -4.50
C GLY A 145 19.36 -5.87 -3.77
N MET A 146 18.19 -5.77 -3.16
CA MET A 146 17.62 -6.88 -2.41
C MET A 146 16.53 -7.63 -3.19
N ARG A 147 16.10 -7.07 -4.32
CA ARG A 147 15.09 -7.72 -5.15
C ARG A 147 15.62 -8.11 -6.53
N VAL B 5 -21.78 -5.60 -6.53
CA VAL B 5 -21.42 -5.19 -7.91
C VAL B 5 -20.21 -4.26 -7.88
N PHE B 6 -19.13 -4.66 -8.54
CA PHE B 6 -17.91 -3.87 -8.57
C PHE B 6 -17.83 -2.97 -9.80
N ASP B 7 -17.10 -1.87 -9.65
CA ASP B 7 -16.92 -0.93 -10.75
C ASP B 7 -16.02 -1.55 -11.81
N ASP B 8 -16.55 -1.78 -13.00
CA ASP B 8 -15.79 -2.37 -14.09
C ASP B 8 -14.51 -1.58 -14.37
N LYS B 9 -14.57 -0.27 -14.17
CA LYS B 9 -13.41 0.58 -14.41
C LYS B 9 -12.29 0.21 -13.45
N LEU B 10 -12.64 -0.15 -12.22
CA LEU B 10 -11.65 -0.54 -11.23
C LEU B 10 -11.12 -1.95 -11.50
N LEU B 11 -12.00 -2.85 -11.93
CA LEU B 11 -11.58 -4.20 -12.24
C LEU B 11 -10.62 -4.17 -13.43
N ALA B 12 -10.84 -3.24 -14.35
CA ALA B 12 -9.98 -3.10 -15.52
C ALA B 12 -8.56 -2.75 -15.09
N VAL B 13 -8.45 -1.92 -14.05
CA VAL B 13 -7.14 -1.52 -13.54
C VAL B 13 -6.41 -2.76 -13.04
N ILE B 14 -7.11 -3.60 -12.28
CA ILE B 14 -6.47 -4.81 -11.76
C ILE B 14 -6.07 -5.75 -12.90
N SER B 15 -6.90 -5.82 -13.93
CA SER B 15 -6.61 -6.69 -15.07
C SER B 15 -5.41 -6.19 -15.88
N GLY B 16 -5.19 -4.88 -15.90
CA GLY B 16 -4.09 -4.32 -16.66
C GLY B 16 -2.74 -4.20 -15.98
N ASN B 17 -2.59 -4.83 -14.82
CA ASN B 17 -1.32 -4.78 -14.07
C ASN B 17 -1.03 -6.19 -13.56
N SER B 18 0.15 -6.38 -12.96
CA SER B 18 0.51 -7.70 -12.43
C SER B 18 1.16 -7.58 -11.06
N ILE B 19 1.31 -6.35 -10.55
CA ILE B 19 1.88 -6.17 -9.22
C ILE B 19 1.06 -5.14 -8.43
N GLY B 20 1.09 -5.28 -7.11
CA GLY B 20 0.35 -4.37 -6.27
C GLY B 20 0.87 -4.41 -4.85
N VAL B 21 0.25 -3.63 -3.99
CA VAL B 21 0.66 -3.58 -2.60
C VAL B 21 -0.26 -4.46 -1.77
N LEU B 22 0.30 -5.50 -1.17
CA LEU B 22 -0.46 -6.43 -0.35
C LEU B 22 -0.44 -5.91 1.08
N ALA B 23 -1.59 -5.98 1.74
CA ALA B 23 -1.70 -5.53 3.12
C ALA B 23 -2.34 -6.62 3.98
N THR B 24 -1.62 -7.11 4.98
CA THR B 24 -2.18 -8.12 5.88
C THR B 24 -2.14 -7.50 7.28
N ILE B 25 -2.74 -8.18 8.25
CA ILE B 25 -2.80 -7.63 9.60
C ILE B 25 -1.83 -8.31 10.57
N LYS B 26 -0.95 -7.53 11.19
CA LYS B 26 0.02 -8.06 12.14
C LYS B 26 -0.63 -8.18 13.52
N HIS B 27 0.04 -8.89 14.43
CA HIS B 27 -0.49 -9.08 15.76
C HIS B 27 -0.91 -7.81 16.50
N ASP B 28 -0.13 -6.75 16.39
CA ASP B 28 -0.47 -5.51 17.09
C ASP B 28 -1.58 -4.72 16.42
N GLY B 29 -2.11 -5.24 15.32
CA GLY B 29 -3.20 -4.57 14.63
C GLY B 29 -2.76 -3.71 13.46
N ARG B 30 -1.46 -3.44 13.35
CA ARG B 30 -0.96 -2.63 12.25
C ARG B 30 -0.91 -3.46 10.98
N PRO B 31 -1.03 -2.81 9.83
CA PRO B 31 -0.97 -3.53 8.56
C PRO B 31 0.49 -3.80 8.21
N GLN B 32 0.73 -4.89 7.50
CA GLN B 32 2.06 -5.23 7.04
C GLN B 32 1.95 -5.02 5.53
N LEU B 33 2.83 -4.20 4.97
CA LEU B 33 2.79 -3.91 3.53
C LEU B 33 3.96 -4.47 2.75
N SER B 34 3.70 -4.86 1.51
CA SER B 34 4.73 -5.40 0.63
C SER B 34 4.31 -5.31 -0.82
N ASN B 35 5.28 -5.29 -1.73
CA ASN B 35 5.00 -5.27 -3.17
C ASN B 35 5.01 -6.72 -3.61
N VAL B 36 3.94 -7.17 -4.27
CA VAL B 36 3.86 -8.55 -4.72
C VAL B 36 3.35 -8.68 -6.14
N GLN B 37 3.61 -9.84 -6.74
CA GLN B 37 3.14 -10.15 -8.08
C GLN B 37 1.84 -10.89 -7.87
N TYR B 38 0.85 -10.69 -8.74
CA TYR B 38 -0.40 -11.38 -8.58
C TYR B 38 -0.99 -11.85 -9.90
N HIS B 39 -1.99 -12.71 -9.79
CA HIS B 39 -2.74 -13.21 -10.92
C HIS B 39 -4.19 -12.85 -10.61
N PHE B 40 -4.89 -12.32 -11.61
CA PHE B 40 -6.28 -11.94 -11.44
C PHE B 40 -7.17 -12.76 -12.36
N ASP B 41 -8.14 -13.46 -11.79
CA ASP B 41 -9.08 -14.24 -12.57
C ASP B 41 -10.32 -13.36 -12.69
N PRO B 42 -10.51 -12.74 -13.86
CA PRO B 42 -11.65 -11.85 -14.12
C PRO B 42 -13.04 -12.45 -14.10
N ARG B 43 -13.14 -13.77 -14.22
CA ARG B 43 -14.45 -14.42 -14.19
C ARG B 43 -14.83 -14.89 -12.79
N LYS B 44 -13.87 -15.50 -12.10
CA LYS B 44 -14.12 -15.99 -10.75
C LYS B 44 -13.95 -14.85 -9.75
N LEU B 45 -13.42 -13.74 -10.24
CA LEU B 45 -13.20 -12.55 -9.43
C LEU B 45 -12.37 -12.83 -8.19
N LEU B 46 -11.15 -13.30 -8.40
CA LEU B 46 -10.27 -13.57 -7.29
C LEU B 46 -8.85 -13.23 -7.71
N ILE B 47 -8.02 -12.96 -6.71
CA ILE B 47 -6.62 -12.61 -6.95
C ILE B 47 -5.76 -13.60 -6.20
N GLN B 48 -4.69 -14.06 -6.83
CA GLN B 48 -3.79 -14.99 -6.21
C GLN B 48 -2.36 -14.49 -6.16
N VAL B 49 -1.70 -14.72 -5.03
CA VAL B 49 -0.31 -14.30 -4.85
C VAL B 49 0.40 -15.43 -4.11
N SER B 50 1.73 -15.41 -4.19
CA SER B 50 2.54 -16.42 -3.51
C SER B 50 3.37 -15.71 -2.44
N ILE B 51 3.31 -16.22 -1.21
CA ILE B 51 4.06 -15.61 -0.11
C ILE B 51 4.76 -16.70 0.68
N ALA B 52 5.81 -16.33 1.40
CA ALA B 52 6.49 -17.31 2.24
C ALA B 52 5.60 -17.44 3.46
N GLU B 53 5.54 -18.62 4.06
CA GLU B 53 4.72 -18.82 5.25
C GLU B 53 5.09 -17.69 6.23
N PRO B 54 4.10 -16.93 6.71
CA PRO B 54 4.41 -15.83 7.63
C PRO B 54 4.97 -16.23 9.00
N ARG B 55 5.85 -15.39 9.54
CA ARG B 55 6.47 -15.61 10.83
C ARG B 55 6.38 -14.35 11.67
N ALA B 56 6.64 -14.50 12.96
CA ALA B 56 6.63 -13.37 13.88
C ALA B 56 5.34 -12.55 13.79
N LYS B 57 5.48 -11.24 13.79
CA LYS B 57 4.32 -10.36 13.74
C LYS B 57 3.35 -10.64 12.59
N THR B 58 3.89 -11.05 11.45
CA THR B 58 3.07 -11.31 10.27
C THR B 58 2.27 -12.61 10.32
N ARG B 59 2.66 -13.54 11.20
CA ARG B 59 1.96 -14.81 11.31
C ARG B 59 0.47 -14.68 11.65
N ASN B 60 0.09 -13.54 12.22
CA ASN B 60 -1.30 -13.30 12.59
C ASN B 60 -2.26 -13.52 11.42
N LEU B 61 -1.71 -13.49 10.20
CA LEU B 61 -2.48 -13.72 8.99
C LEU B 61 -3.19 -15.07 9.10
N ARG B 62 -2.54 -16.02 9.78
CA ARG B 62 -3.12 -17.35 9.96
C ARG B 62 -4.40 -17.39 10.78
N ARG B 63 -4.62 -16.40 11.65
CA ARG B 63 -5.85 -16.37 12.44
C ARG B 63 -6.81 -15.25 12.03
N ASP B 64 -6.29 -14.28 11.26
CA ASP B 64 -7.09 -13.17 10.76
C ASP B 64 -6.65 -12.99 9.32
N PRO B 65 -7.29 -13.71 8.39
CA PRO B 65 -6.99 -13.68 6.96
C PRO B 65 -7.48 -12.50 6.13
N ARG B 66 -8.00 -11.47 6.78
CA ARG B 66 -8.49 -10.31 6.04
C ARG B 66 -7.31 -9.65 5.32
N ALA B 67 -7.47 -9.40 4.03
CA ALA B 67 -6.40 -8.80 3.25
C ALA B 67 -6.90 -7.90 2.13
N SER B 68 -6.03 -7.01 1.66
CA SER B 68 -6.35 -6.09 0.56
C SER B 68 -5.12 -5.94 -0.31
N ILE B 69 -5.35 -5.57 -1.56
CA ILE B 69 -4.25 -5.34 -2.49
C ILE B 69 -4.57 -4.10 -3.32
N LEU B 70 -3.65 -3.15 -3.32
CA LEU B 70 -3.84 -1.93 -4.11
C LEU B 70 -3.07 -2.07 -5.40
N VAL B 71 -3.71 -1.70 -6.50
CA VAL B 71 -3.11 -1.79 -7.83
C VAL B 71 -3.14 -0.42 -8.50
N ASP B 72 -1.98 0.01 -9.02
CA ASP B 72 -1.88 1.30 -9.69
C ASP B 72 -2.35 1.24 -11.13
N ALA B 73 -3.00 2.32 -11.56
CA ALA B 73 -3.46 2.44 -12.94
C ALA B 73 -2.27 3.05 -13.68
N ASP B 74 -2.44 3.37 -14.95
CA ASP B 74 -1.36 3.93 -15.76
C ASP B 74 -1.43 5.44 -15.98
N ASP B 75 -2.33 6.10 -15.26
CA ASP B 75 -2.45 7.55 -15.38
C ASP B 75 -1.79 8.21 -14.19
N GLY B 76 -2.21 9.44 -13.88
CA GLY B 76 -1.61 10.14 -12.77
C GLY B 76 -1.83 9.56 -11.38
N TRP B 77 -3.09 9.48 -10.95
CA TRP B 77 -3.42 9.00 -9.61
C TRP B 77 -4.37 7.82 -9.43
N SER B 78 -5.02 7.39 -10.49
CA SER B 78 -5.98 6.30 -10.37
C SER B 78 -5.45 5.01 -9.80
N TYR B 79 -6.30 4.30 -9.07
CA TYR B 79 -5.92 3.03 -8.46
C TYR B 79 -7.15 2.24 -8.03
N ALA B 80 -6.96 0.94 -7.81
CA ALA B 80 -8.04 0.07 -7.38
C ALA B 80 -7.57 -0.77 -6.20
N VAL B 81 -8.45 -1.00 -5.24
CA VAL B 81 -8.09 -1.83 -4.11
C VAL B 81 -9.10 -2.96 -4.03
N ALA B 82 -8.59 -4.20 -4.00
CA ALA B 82 -9.43 -5.38 -3.89
C ALA B 82 -9.33 -5.81 -2.44
N GLU B 83 -10.49 -6.04 -1.81
CA GLU B 83 -10.56 -6.42 -0.41
C GLU B 83 -11.27 -7.76 -0.26
N GLY B 84 -10.76 -8.62 0.63
CA GLY B 84 -11.40 -9.90 0.83
C GLY B 84 -10.83 -10.69 1.99
N THR B 85 -11.30 -11.93 2.14
CA THR B 85 -10.81 -12.81 3.18
C THR B 85 -9.97 -13.86 2.49
N ALA B 86 -8.67 -13.83 2.77
CA ALA B 86 -7.75 -14.76 2.13
C ALA B 86 -7.86 -16.21 2.58
N GLN B 87 -7.58 -17.10 1.63
CA GLN B 87 -7.58 -18.54 1.86
C GLN B 87 -6.12 -18.94 1.59
N LEU B 88 -5.51 -19.67 2.51
CA LEU B 88 -4.12 -20.07 2.34
C LEU B 88 -3.95 -21.58 2.30
N THR B 89 -3.03 -22.03 1.45
CA THR B 89 -2.72 -23.45 1.36
C THR B 89 -1.69 -23.69 2.45
N PRO B 90 -1.40 -24.95 2.76
CA PRO B 90 -0.38 -25.15 3.79
C PRO B 90 0.91 -24.77 3.10
N PRO B 91 1.98 -24.51 3.85
CA PRO B 91 3.25 -24.15 3.18
C PRO B 91 3.82 -25.33 2.41
N ALA B 92 4.49 -25.04 1.30
CA ALA B 92 5.10 -26.11 0.50
C ALA B 92 6.10 -26.83 1.39
N ALA B 93 6.05 -28.16 1.38
CA ALA B 93 6.95 -28.95 2.21
C ALA B 93 7.66 -30.05 1.42
N ALA B 94 7.14 -30.37 0.25
CA ALA B 94 7.74 -31.38 -0.62
C ALA B 94 7.67 -30.84 -2.04
N PRO B 95 8.74 -31.06 -2.84
CA PRO B 95 8.80 -30.58 -4.21
C PRO B 95 7.62 -30.98 -5.10
N ASP B 96 6.89 -32.00 -4.68
CA ASP B 96 5.76 -32.48 -5.46
C ASP B 96 4.42 -32.52 -4.71
N ASP B 97 4.28 -31.79 -3.61
CA ASP B 97 3.01 -31.80 -2.89
C ASP B 97 1.97 -30.91 -3.58
N ASP B 98 0.71 -31.01 -3.14
CA ASP B 98 -0.37 -30.23 -3.73
C ASP B 98 -0.12 -28.73 -3.77
N THR B 99 0.57 -28.22 -2.76
CA THR B 99 0.86 -26.79 -2.72
C THR B 99 1.79 -26.37 -3.85
N VAL B 100 2.85 -27.14 -4.07
CA VAL B 100 3.79 -26.79 -5.14
C VAL B 100 3.10 -26.91 -6.50
N GLU B 101 2.24 -27.92 -6.63
CA GLU B 101 1.51 -28.12 -7.87
C GLU B 101 0.67 -26.88 -8.15
N ALA B 102 0.03 -26.36 -7.10
CA ALA B 102 -0.80 -25.17 -7.24
C ALA B 102 0.06 -23.96 -7.61
N LEU B 103 1.26 -23.88 -7.03
CA LEU B 103 2.16 -22.76 -7.30
C LEU B 103 2.72 -22.81 -8.71
N ILE B 104 2.77 -24.01 -9.28
CA ILE B 104 3.26 -24.17 -10.64
C ILE B 104 2.20 -23.57 -11.56
N ALA B 105 0.92 -23.84 -11.26
CA ALA B 105 -0.17 -23.30 -12.05
C ALA B 105 -0.16 -21.77 -11.94
N LEU B 106 0.09 -21.27 -10.73
CA LEU B 106 0.13 -19.83 -10.53
C LEU B 106 1.23 -19.20 -11.39
N TYR B 107 2.41 -19.80 -11.37
CA TYR B 107 3.51 -19.28 -12.15
C TYR B 107 3.16 -19.25 -13.63
N ARG B 108 2.47 -20.29 -14.10
CA ARG B 108 2.06 -20.35 -15.49
C ARG B 108 1.07 -19.23 -15.83
N ASN B 109 0.15 -18.95 -14.91
CA ASN B 109 -0.84 -17.90 -15.14
C ASN B 109 -0.20 -16.50 -15.13
N ILE B 110 0.80 -16.32 -14.28
CA ILE B 110 1.48 -15.02 -14.17
C ILE B 110 2.61 -14.81 -15.16
N ALA B 111 3.55 -15.74 -15.22
CA ALA B 111 4.70 -15.61 -16.11
C ALA B 111 4.71 -16.52 -17.32
N GLY B 112 4.04 -17.68 -17.21
CA GLY B 112 4.02 -18.60 -18.32
C GLY B 112 4.82 -19.85 -18.02
N GLU B 113 5.32 -20.51 -19.07
CA GLU B 113 6.09 -21.72 -18.89
C GLU B 113 7.48 -21.45 -18.31
N HIS B 114 7.82 -22.16 -17.24
CA HIS B 114 9.11 -22.00 -16.58
C HIS B 114 10.19 -22.80 -17.30
N SER B 115 11.42 -22.29 -17.27
CA SER B 115 12.56 -22.94 -17.93
C SER B 115 13.06 -24.19 -17.21
N ASP B 116 12.94 -24.18 -15.88
CA ASP B 116 13.40 -25.31 -15.08
C ASP B 116 12.46 -25.56 -13.91
N TRP B 117 11.37 -26.29 -14.16
CA TRP B 117 10.40 -26.58 -13.13
C TRP B 117 11.01 -27.25 -11.89
N ASP B 118 12.09 -28.02 -12.07
CA ASP B 118 12.72 -28.66 -10.93
C ASP B 118 13.33 -27.61 -10.01
N ASP B 119 13.86 -26.55 -10.60
CA ASP B 119 14.46 -25.48 -9.83
C ASP B 119 13.33 -24.75 -9.09
N TYR B 120 12.22 -24.54 -9.78
CA TYR B 120 11.07 -23.85 -9.20
C TYR B 120 10.51 -24.62 -8.00
N ARG B 121 10.35 -25.93 -8.15
CA ARG B 121 9.82 -26.76 -7.07
C ARG B 121 10.63 -26.66 -5.78
N GLN B 122 11.95 -26.83 -5.88
CA GLN B 122 12.79 -26.75 -4.70
C GLN B 122 12.76 -25.36 -4.10
N ALA B 123 12.67 -24.34 -4.95
CA ALA B 123 12.63 -22.96 -4.48
C ALA B 123 11.37 -22.73 -3.64
N MET B 124 10.25 -23.31 -4.05
CA MET B 124 9.01 -23.15 -3.31
C MET B 124 9.14 -23.80 -1.94
N VAL B 125 9.72 -25.00 -1.90
CA VAL B 125 9.88 -25.69 -0.63
C VAL B 125 10.82 -24.93 0.30
N THR B 126 11.94 -24.46 -0.25
CA THR B 126 12.92 -23.72 0.52
C THR B 126 12.36 -22.44 1.12
N ASP B 127 11.40 -21.82 0.43
CA ASP B 127 10.80 -20.59 0.92
C ASP B 127 9.48 -20.85 1.64
N ARG B 128 9.19 -22.12 1.93
CA ARG B 128 7.93 -22.49 2.60
C ARG B 128 6.78 -21.71 1.96
N ARG B 129 6.78 -21.67 0.63
CA ARG B 129 5.76 -20.92 -0.12
C ARG B 129 4.32 -21.36 0.10
N VAL B 130 3.46 -20.35 0.19
CA VAL B 130 2.03 -20.55 0.38
C VAL B 130 1.30 -19.85 -0.76
N LEU B 131 0.25 -20.47 -1.28
CA LEU B 131 -0.53 -19.82 -2.33
C LEU B 131 -1.69 -19.16 -1.61
N LEU B 132 -1.76 -17.83 -1.72
CA LEU B 132 -2.82 -17.07 -1.09
C LEU B 132 -3.87 -16.73 -2.13
N THR B 133 -5.10 -17.17 -1.90
CA THR B 133 -6.20 -16.90 -2.83
C THR B 133 -7.11 -15.89 -2.17
N LEU B 134 -7.35 -14.78 -2.86
CA LEU B 134 -8.21 -13.75 -2.30
C LEU B 134 -9.49 -13.51 -3.09
N PRO B 135 -10.60 -14.11 -2.64
CA PRO B 135 -11.87 -13.91 -3.35
C PRO B 135 -12.22 -12.44 -3.10
N ILE B 136 -12.49 -11.69 -4.15
CA ILE B 136 -12.79 -10.28 -4.00
C ILE B 136 -14.17 -10.02 -3.40
N SER B 137 -14.21 -9.39 -2.23
CA SER B 137 -15.48 -9.07 -1.57
C SER B 137 -15.88 -7.61 -1.78
N HIS B 138 -14.89 -6.73 -1.86
CA HIS B 138 -15.13 -5.31 -2.05
C HIS B 138 -14.02 -4.72 -2.91
N VAL B 139 -14.39 -3.76 -3.77
CA VAL B 139 -13.40 -3.10 -4.62
C VAL B 139 -13.67 -1.61 -4.50
N TYR B 140 -12.63 -0.84 -4.20
CA TYR B 140 -12.77 0.60 -4.09
C TYR B 140 -11.55 1.30 -4.70
N GLY B 141 -11.58 2.63 -4.73
CA GLY B 141 -10.46 3.37 -5.28
C GLY B 141 -10.90 4.53 -6.16
N LEU B 142 -9.98 4.98 -7.01
CA LEU B 142 -10.23 6.12 -7.92
C LEU B 142 -10.03 5.59 -9.34
N PRO B 143 -11.13 5.41 -10.09
CA PRO B 143 -11.06 4.89 -11.46
C PRO B 143 -10.53 5.89 -12.48
N PRO B 144 -9.73 5.41 -13.45
CA PRO B 144 -9.17 6.28 -14.48
C PRO B 144 -10.22 6.63 -15.52
N GLY B 145 -9.94 7.69 -16.30
CA GLY B 145 -10.88 8.09 -17.32
C GLY B 145 -10.30 7.96 -18.72
N MET B 146 -11.02 8.51 -19.70
CA MET B 146 -10.58 8.48 -21.08
C MET B 146 -9.15 9.01 -21.16
N ARG B 147 -8.31 8.35 -21.96
CA ARG B 147 -6.92 8.76 -22.09
C ARG B 147 -6.25 8.10 -23.29
N1 PLP C . -10.80 10.43 0.06
C2 PLP C . -10.12 9.19 0.37
C2A PLP C . -10.64 8.31 1.51
C3 PLP C . -8.94 8.81 -0.40
O3 PLP C . -8.28 7.61 -0.11
C4 PLP C . -8.48 9.67 -1.48
C4A PLP C . -7.20 9.29 -2.35
O4A PLP C . -6.53 8.22 -2.16
C5 PLP C . -9.20 10.92 -1.77
C6 PLP C . -10.35 11.27 -0.99
C5A PLP C . -8.72 11.87 -2.91
O4P PLP C . -7.61 12.66 -2.51
P PLP C . -7.84 14.20 -2.08
O1P PLP C . -8.49 15.04 -3.27
O2P PLP C . -6.41 14.79 -1.71
O3P PLP C . -8.79 14.31 -0.79
#